data_6PIZ
#
_entry.id   6PIZ
#
_cell.length_a   54.886
_cell.length_b   58.609
_cell.length_c   59.871
_cell.angle_alpha   90.00
_cell.angle_beta   90.00
_cell.angle_gamma   90.00
#
_symmetry.space_group_name_H-M   'P 21 21 21'
#
loop_
_entity.id
_entity.type
_entity.pdbx_description
1 polymer 'NS3/4A protease'
2 non-polymer 'SULFATE ION'
3 non-polymer '1-methylcyclopropyl [(2R,6S,12Z,13aS,14aR,16aS)-2-[(7-methoxy-3-methylquinoxalin-2-yl)oxy]-14a-{[(1-methylcyclopropyl)sulfonyl]carbamoyl}-5,16-dioxo-1,2,3,5,6,7,8,9,10,11,13a,14,14a,15,16,16a-hexadecahydrocyclopropa[e]pyrrolo[1,2-a][1,4]diazacyclopentadecin-6-yl]carbamate'
4 non-polymer GLYCEROL
5 non-polymer 1,2-ETHANEDIOL
6 non-polymer 'ZINC ION'
7 water water
#
_entity_poly.entity_id   1
_entity_poly.type   'polypeptide(L)'
_entity_poly.pdbx_seq_one_letter_code
;MGSSHHHHHHSSGLVPRGSHHMASMKKKGSVVIVGRINLSGDTAYAQQTRGEEGCQETSQTGRDKNQVEGEVQIVSTATQ
TFLATSINGVLWTVYHGAGTRTIASPKGPVTQMYTNVDKDLVGWQAPQGSRSLTPCTCGSSDLYLVTRHADVIPVRRRGD
SRGSLLSPRPISYLKGSSGGPLLCPAGHAVGIFRAAVSTRGVAKAVAFIPVESLETTMRSP
;
_entity_poly.pdbx_strand_id   A
#
loop_
_chem_comp.id
_chem_comp.type
_chem_comp.name
_chem_comp.formula
EDO non-polymer 1,2-ETHANEDIOL 'C2 H6 O2'
GOL non-polymer GLYCEROL 'C3 H8 O3'
ON4 non-polymer '1-methylcyclopropyl [(2R,6S,12Z,13aS,14aR,16aS)-2-[(7-methoxy-3-methylquinoxalin-2-yl)oxy]-14a-{[(1-methylcyclopropyl)sulfonyl]carbamoyl}-5,16-dioxo-1,2,3,5,6,7,8,9,10,11,13a,14,14a,15,16,16a-hexadecahydrocyclopropa[e]pyrrolo[1,2-a][1,4]diazacyclopentadecin-6-yl]carbamate' 'C37 H48 N6 O9 S'
SO4 non-polymer 'SULFATE ION' 'O4 S -2'
ZN non-polymer 'ZINC ION' 'Zn 2'
#
# COMPACT_ATOMS: atom_id res chain seq x y z
N HIS A 21 -9.08 -26.64 19.28
CA HIS A 21 -10.27 -27.43 18.97
C HIS A 21 -11.22 -26.67 18.05
N MET A 22 -12.11 -27.41 17.40
CA MET A 22 -13.03 -26.79 16.45
C MET A 22 -13.90 -25.73 17.12
N ALA A 23 -14.22 -25.92 18.40
CA ALA A 23 -15.12 -24.98 19.07
C ALA A 23 -14.48 -23.61 19.26
N SER A 24 -13.18 -23.57 19.49
CA SER A 24 -12.51 -22.33 19.86
C SER A 24 -11.75 -21.69 18.69
N MET A 25 -11.90 -22.23 17.49
CA MET A 25 -11.09 -21.74 16.38
C MET A 25 -11.39 -20.27 16.12
N LYS A 26 -10.33 -19.48 15.98
CA LYS A 26 -10.41 -18.05 15.78
C LYS A 26 -10.35 -17.71 14.29
N LYS A 27 -10.73 -16.50 13.96
CA LYS A 27 -10.56 -15.99 12.62
C LYS A 27 -9.77 -14.71 12.68
N LYS A 28 -8.90 -14.52 11.70
CA LYS A 28 -8.09 -13.33 11.59
C LYS A 28 -8.99 -12.14 11.27
N GLY A 29 -8.60 -11.01 11.80
CA GLY A 29 -9.35 -9.80 11.58
C GLY A 29 -9.12 -9.25 10.18
N SER A 30 -9.86 -8.22 9.85
CA SER A 30 -9.72 -7.56 8.57
C SER A 30 -8.55 -6.57 8.61
N VAL A 31 -7.99 -6.30 7.43
CA VAL A 31 -7.17 -5.10 7.25
C VAL A 31 -8.06 -3.88 7.44
N VAL A 32 -7.50 -2.86 8.11
CA VAL A 32 -8.26 -1.65 8.46
C VAL A 32 -7.50 -0.43 7.94
N ILE A 33 -8.21 0.47 7.26
CA ILE A 33 -7.65 1.77 6.92
C ILE A 33 -7.57 2.61 8.19
N VAL A 34 -6.36 3.08 8.52
CA VAL A 34 -6.14 3.88 9.72
C VAL A 34 -5.65 5.29 9.40
N GLY A 35 -5.46 5.61 8.13
CA GLY A 35 -5.05 6.96 7.77
C GLY A 35 -4.75 7.00 6.28
N ARG A 36 -4.10 8.09 5.87
CA ARG A 36 -3.79 8.27 4.46
C ARG A 36 -2.57 9.15 4.30
N ILE A 37 -1.97 9.09 3.12
CA ILE A 37 -0.97 10.08 2.73
C ILE A 37 -1.65 11.14 1.89
N ASN A 38 -1.68 12.36 2.40
CA ASN A 38 -2.37 13.44 1.71
C ASN A 38 -1.45 13.99 0.64
N LEU A 39 -1.85 13.81 -0.62
CA LEU A 39 -1.15 14.36 -1.77
C LEU A 39 -2.01 15.40 -2.48
N SER A 40 -2.97 15.99 -1.75
CA SER A 40 -3.91 16.97 -2.31
C SER A 40 -3.21 18.19 -2.86
N GLY A 41 -2.18 18.67 -2.17
CA GLY A 41 -1.66 19.99 -2.42
C GLY A 41 -0.18 20.01 -2.74
N ASP A 42 0.50 21.07 -2.29
CA ASP A 42 1.93 21.21 -2.51
C ASP A 42 2.76 20.47 -1.47
N THR A 43 2.16 20.11 -0.34
CA THR A 43 2.87 19.53 0.79
C THR A 43 2.25 18.18 1.10
N ALA A 44 3.04 17.12 0.99
CA ALA A 44 2.57 15.79 1.31
C ALA A 44 2.68 15.57 2.81
N TYR A 45 1.63 14.99 3.40
CA TYR A 45 1.67 14.74 4.83
C TYR A 45 0.72 13.61 5.19
N ALA A 46 1.14 12.82 6.16
CA ALA A 46 0.32 11.73 6.67
C ALA A 46 -0.78 12.26 7.57
N GLN A 47 -1.94 11.63 7.50
CA GLN A 47 -3.07 11.89 8.39
C GLN A 47 -3.50 10.57 9.01
N GLN A 48 -3.70 10.56 10.32
CA GLN A 48 -4.33 9.42 10.95
C GLN A 48 -5.83 9.67 11.00
N THR A 49 -6.61 8.66 10.65
CA THR A 49 -8.07 8.75 10.72
C THR A 49 -8.66 7.80 11.75
N ARG A 50 -7.88 6.85 12.27
CA ARG A 50 -8.38 5.94 13.29
C ARG A 50 -7.24 5.55 14.23
N GLY A 51 -7.52 5.58 15.54
CA GLY A 51 -6.54 5.17 16.53
C GLY A 51 -6.55 3.66 16.78
N GLU A 52 -5.56 3.21 17.58
CA GLU A 52 -5.28 1.78 17.69
C GLU A 52 -6.47 1.02 18.26
N GLU A 53 -7.17 1.60 19.24
CA GLU A 53 -8.31 0.91 19.84
C GLU A 53 -9.43 0.73 18.81
N GLY A 54 -9.80 1.81 18.12
CA GLY A 54 -10.82 1.71 17.10
C GLY A 54 -10.37 0.83 15.94
N CYS A 55 -9.07 0.78 15.68
CA CYS A 55 -8.57 -0.13 14.65
C CYS A 55 -8.81 -1.58 15.06
N GLN A 56 -8.48 -1.92 16.30
CA GLN A 56 -8.68 -3.31 16.74
C GLN A 56 -10.15 -3.69 16.65
N GLU A 57 -11.04 -2.79 17.08
CA GLU A 57 -12.48 -3.08 17.06
C GLU A 57 -12.97 -3.30 15.64
N THR A 58 -12.52 -2.47 14.69
CA THR A 58 -12.93 -2.50 13.31
C THR A 58 -12.35 -3.72 12.62
N SER A 59 -11.16 -4.16 13.04
CA SER A 59 -10.57 -5.36 12.46
C SER A 59 -11.38 -6.60 12.81
N GLN A 60 -11.91 -6.63 14.03
CA GLN A 60 -12.73 -7.74 14.50
C GLN A 60 -14.09 -7.77 13.81
N THR A 61 -14.76 -6.62 13.71
CA THR A 61 -16.08 -6.61 13.09
C THR A 61 -16.00 -6.57 11.58
N GLY A 62 -14.92 -6.01 11.03
CA GLY A 62 -14.87 -5.75 9.61
C GLY A 62 -15.77 -4.64 9.14
N ARG A 63 -16.37 -3.86 10.05
CA ARG A 63 -17.27 -2.78 9.69
C ARG A 63 -16.59 -1.45 9.95
N ASP A 64 -16.31 -0.72 8.87
CA ASP A 64 -15.62 0.56 8.92
C ASP A 64 -16.52 1.61 8.29
N LYS A 65 -17.10 2.48 9.13
CA LYS A 65 -17.95 3.55 8.67
C LYS A 65 -17.19 4.84 8.35
N ASN A 66 -15.87 4.87 8.46
CA ASN A 66 -15.14 6.11 8.21
C ASN A 66 -15.14 6.46 6.73
N GLN A 67 -15.25 7.76 6.45
CA GLN A 67 -15.10 8.25 5.08
C GLN A 67 -13.67 8.03 4.61
N VAL A 68 -13.54 7.53 3.38
CA VAL A 68 -12.23 7.26 2.77
C VAL A 68 -11.98 8.35 1.75
N GLU A 69 -10.74 8.84 1.72
CA GLU A 69 -10.31 9.83 0.73
C GLU A 69 -8.92 9.48 0.25
N GLY A 70 -8.60 9.94 -0.97
CA GLY A 70 -7.23 9.89 -1.45
C GLY A 70 -6.84 8.58 -2.10
N GLU A 71 -5.59 8.58 -2.58
CA GLU A 71 -5.00 7.49 -3.36
C GLU A 71 -4.21 6.48 -2.53
N VAL A 72 -3.49 6.95 -1.52
CA VAL A 72 -2.62 6.11 -0.70
C VAL A 72 -3.19 6.06 0.71
N GLN A 73 -3.60 4.88 1.12
CA GLN A 73 -4.11 4.65 2.45
C GLN A 73 -3.01 4.06 3.32
N ILE A 74 -3.06 4.39 4.60
CA ILE A 74 -2.30 3.67 5.62
C ILE A 74 -3.21 2.60 6.19
N VAL A 75 -2.73 1.36 6.23
CA VAL A 75 -3.56 0.24 6.65
C VAL A 75 -2.87 -0.53 7.76
N SER A 76 -3.67 -1.24 8.54
CA SER A 76 -3.12 -2.00 9.64
CA SER A 76 -3.12 -2.00 9.64
C SER A 76 -3.91 -3.27 9.86
N THR A 77 -3.22 -4.28 10.41
CA THR A 77 -3.83 -5.46 10.99
C THR A 77 -3.56 -5.41 12.49
N ALA A 78 -3.80 -6.51 13.20
CA ALA A 78 -3.51 -6.54 14.62
C ALA A 78 -2.00 -6.43 14.88
N THR A 79 -1.17 -6.86 13.92
CA THR A 79 0.25 -7.02 14.13
C THR A 79 1.15 -6.23 13.19
N GLN A 80 0.62 -5.66 12.12
N GLN A 80 0.61 -5.68 12.11
CA GLN A 80 1.44 -5.00 11.12
CA GLN A 80 1.43 -4.99 11.13
C GLN A 80 0.73 -3.76 10.61
C GLN A 80 0.75 -3.71 10.67
N THR A 81 1.53 -2.81 10.12
CA THR A 81 1.00 -1.62 9.47
C THR A 81 1.84 -1.36 8.22
N PHE A 82 1.17 -0.92 7.17
CA PHE A 82 1.79 -0.75 5.86
C PHE A 82 0.87 0.16 5.06
N LEU A 83 1.05 0.17 3.74
CA LEU A 83 0.31 1.07 2.87
C LEU A 83 -0.52 0.28 1.86
N ALA A 84 -1.51 0.97 1.27
CA ALA A 84 -2.31 0.42 0.18
C ALA A 84 -2.61 1.56 -0.78
N THR A 85 -2.60 1.25 -2.07
CA THR A 85 -2.67 2.25 -3.12
C THR A 85 -3.74 1.90 -4.15
N SER A 86 -4.59 2.87 -4.49
CA SER A 86 -5.66 2.67 -5.46
CA SER A 86 -5.67 2.67 -5.46
C SER A 86 -5.16 3.00 -6.86
N ILE A 87 -5.30 2.04 -7.77
CA ILE A 87 -4.96 2.21 -9.17
C ILE A 87 -6.05 1.52 -9.96
N ASN A 88 -6.69 2.26 -10.86
CA ASN A 88 -7.72 1.68 -11.74
C ASN A 88 -8.84 1.02 -10.95
N GLY A 89 -9.28 1.64 -9.87
CA GLY A 89 -10.41 1.12 -9.13
C GLY A 89 -10.14 -0.08 -8.24
N VAL A 90 -8.88 -0.42 -8.00
CA VAL A 90 -8.48 -1.51 -7.12
C VAL A 90 -7.55 -0.93 -6.06
N LEU A 91 -7.80 -1.27 -4.80
CA LEU A 91 -6.88 -0.93 -3.70
C LEU A 91 -5.86 -2.05 -3.58
N TRP A 92 -4.61 -1.76 -3.92
CA TRP A 92 -3.55 -2.76 -4.02
C TRP A 92 -2.62 -2.69 -2.81
N THR A 93 -2.12 -3.84 -2.37
CA THR A 93 -1.07 -3.87 -1.34
C THR A 93 -0.28 -5.17 -1.48
N VAL A 94 0.61 -5.43 -0.51
CA VAL A 94 1.50 -6.58 -0.51
C VAL A 94 0.90 -7.76 0.24
N TYR A 95 1.10 -8.95 -0.31
CA TYR A 95 0.66 -10.16 0.37
C TYR A 95 1.38 -10.37 1.70
N HIS A 96 2.65 -9.97 1.81
CA HIS A 96 3.36 -10.18 3.05
C HIS A 96 2.83 -9.31 4.18
N GLY A 97 1.99 -8.33 3.86
CA GLY A 97 1.33 -7.53 4.87
C GLY A 97 -0.10 -8.00 5.13
N ALA A 98 -0.85 -8.22 4.07
CA ALA A 98 -2.28 -8.50 4.19
C ALA A 98 -2.62 -9.99 4.21
N GLY A 99 -1.71 -10.85 3.76
CA GLY A 99 -2.09 -12.23 3.52
C GLY A 99 -3.37 -12.30 2.71
N THR A 100 -4.24 -13.25 3.08
CA THR A 100 -5.53 -13.45 2.42
C THR A 100 -6.68 -12.71 3.12
N ARG A 101 -6.36 -11.72 3.96
CA ARG A 101 -7.36 -11.09 4.80
CA ARG A 101 -7.36 -11.09 4.80
C ARG A 101 -8.34 -10.27 3.98
N THR A 102 -9.56 -10.18 4.51
CA THR A 102 -10.53 -9.21 4.04
C THR A 102 -10.11 -7.81 4.47
N ILE A 103 -10.77 -6.81 3.90
CA ILE A 103 -10.62 -5.43 4.32
C ILE A 103 -11.95 -4.94 4.90
N ALA A 104 -11.88 -4.14 5.96
CA ALA A 104 -13.09 -3.58 6.56
C ALA A 104 -13.73 -2.56 5.62
N SER A 105 -15.07 -2.54 5.61
CA SER A 105 -15.80 -1.59 4.80
C SER A 105 -17.11 -1.24 5.51
N PRO A 106 -17.84 -0.26 5.00
CA PRO A 106 -19.07 0.16 5.71
C PRO A 106 -20.09 -0.96 5.88
N LYS A 107 -20.13 -1.94 4.99
CA LYS A 107 -21.11 -3.01 5.09
C LYS A 107 -20.48 -4.35 5.47
N GLY A 108 -19.26 -4.32 6.02
CA GLY A 108 -18.65 -5.53 6.52
C GLY A 108 -17.41 -5.91 5.73
N PRO A 109 -16.83 -7.07 6.07
CA PRO A 109 -15.56 -7.47 5.45
C PRO A 109 -15.73 -7.66 3.96
N VAL A 110 -14.72 -7.23 3.21
CA VAL A 110 -14.70 -7.39 1.75
C VAL A 110 -13.57 -8.36 1.37
N THR A 111 -13.91 -9.41 0.63
CA THR A 111 -12.94 -10.39 0.18
C THR A 111 -12.07 -9.85 -0.96
N GLN A 112 -10.80 -10.28 -0.95
CA GLN A 112 -9.87 -9.87 -1.99
C GLN A 112 -10.40 -10.25 -3.36
N MET A 113 -10.19 -9.38 -4.33
CA MET A 113 -10.49 -9.78 -5.69
C MET A 113 -9.26 -10.19 -6.48
N TYR A 114 -8.07 -9.87 -5.97
CA TYR A 114 -6.81 -10.36 -6.54
C TYR A 114 -5.95 -10.86 -5.40
N THR A 115 -5.29 -12.00 -5.59
CA THR A 115 -4.30 -12.51 -4.64
C THR A 115 -3.21 -13.19 -5.45
N ASN A 116 -1.94 -12.76 -5.29
CA ASN A 116 -0.85 -13.41 -6.03
C ASN A 116 0.42 -13.42 -5.17
N VAL A 117 0.58 -14.53 -4.45
CA VAL A 117 1.71 -14.72 -3.54
C VAL A 117 3.02 -14.66 -4.31
N ASP A 118 3.00 -15.08 -5.58
CA ASP A 118 4.22 -15.10 -6.39
C ASP A 118 4.72 -13.70 -6.71
N LYS A 119 3.82 -12.73 -6.76
CA LYS A 119 4.17 -11.33 -6.95
C LYS A 119 4.17 -10.52 -5.65
N ASP A 120 3.78 -11.13 -4.54
CA ASP A 120 3.62 -10.45 -3.27
C ASP A 120 2.53 -9.38 -3.37
N LEU A 121 1.42 -9.74 -4.02
CA LEU A 121 0.41 -8.78 -4.41
C LEU A 121 -0.99 -9.23 -4.02
N VAL A 122 -1.78 -8.30 -3.46
CA VAL A 122 -3.21 -8.52 -3.29
C VAL A 122 -3.93 -7.23 -3.67
N GLY A 123 -5.23 -7.36 -3.90
CA GLY A 123 -6.07 -6.22 -4.20
C GLY A 123 -7.51 -6.46 -3.80
N TRP A 124 -8.16 -5.38 -3.38
CA TRP A 124 -9.59 -5.34 -3.15
C TRP A 124 -10.21 -4.25 -4.02
N GLN A 125 -11.52 -4.32 -4.21
CA GLN A 125 -12.23 -3.23 -4.85
C GLN A 125 -11.93 -1.94 -4.09
N ALA A 126 -11.70 -0.87 -4.82
CA ALA A 126 -11.29 0.36 -4.16
C ALA A 126 -12.45 0.92 -3.35
N PRO A 127 -12.21 1.41 -2.13
CA PRO A 127 -13.32 1.87 -1.30
C PRO A 127 -14.00 3.10 -1.88
N GLN A 128 -15.31 3.18 -1.64
CA GLN A 128 -16.07 4.37 -2.00
C GLN A 128 -15.40 5.60 -1.38
N GLY A 129 -15.16 6.61 -2.20
CA GLY A 129 -14.52 7.82 -1.75
C GLY A 129 -13.04 7.92 -2.06
N SER A 130 -12.38 6.80 -2.32
CA SER A 130 -10.99 6.83 -2.75
C SER A 130 -10.87 7.46 -4.14
N ARG A 131 -9.67 7.92 -4.45
CA ARG A 131 -9.30 8.33 -5.79
C ARG A 131 -8.23 7.37 -6.28
N SER A 132 -8.29 7.02 -7.56
CA SER A 132 -7.36 6.06 -8.14
C SER A 132 -6.29 6.78 -8.93
N LEU A 133 -5.06 6.30 -8.80
CA LEU A 133 -4.02 6.71 -9.72
C LEU A 133 -4.22 6.04 -11.08
N THR A 134 -3.71 6.69 -12.12
CA THR A 134 -3.73 6.21 -13.49
C THR A 134 -2.45 5.45 -13.80
N PRO A 135 -2.53 4.28 -14.45
CA PRO A 135 -1.28 3.56 -14.79
C PRO A 135 -0.41 4.36 -15.76
N CYS A 136 0.89 4.41 -15.46
CA CYS A 136 1.84 5.15 -16.27
C CYS A 136 2.06 4.49 -17.62
N THR A 137 2.03 5.30 -18.68
CA THR A 137 2.47 4.85 -19.99
C THR A 137 3.60 5.71 -20.54
N CYS A 138 4.27 6.49 -19.68
CA CYS A 138 5.32 7.41 -20.11
C CYS A 138 6.60 6.68 -20.51
N GLY A 139 6.88 5.53 -19.90
CA GLY A 139 8.16 4.91 -20.13
C GLY A 139 9.32 5.67 -19.53
N SER A 140 9.07 6.51 -18.52
CA SER A 140 10.11 7.28 -17.86
C SER A 140 10.79 6.45 -16.77
N SER A 141 12.08 6.71 -16.54
CA SER A 141 12.82 6.05 -15.46
C SER A 141 13.13 6.96 -14.28
N ASP A 142 12.57 8.17 -14.25
CA ASP A 142 12.75 9.08 -13.11
C ASP A 142 11.49 8.97 -12.27
N LEU A 143 11.58 8.20 -11.18
CA LEU A 143 10.46 7.83 -10.35
C LEU A 143 10.54 8.50 -8.99
N TYR A 144 9.44 8.37 -8.26
CA TYR A 144 9.25 8.95 -6.95
C TYR A 144 8.48 7.97 -6.07
N LEU A 145 9.10 7.57 -4.96
CA LEU A 145 8.49 6.65 -4.01
C LEU A 145 7.88 7.45 -2.86
N VAL A 146 6.64 7.14 -2.53
CA VAL A 146 5.92 7.81 -1.46
C VAL A 146 5.87 6.88 -0.26
N THR A 147 6.36 7.36 0.89
CA THR A 147 6.43 6.55 2.09
C THR A 147 5.28 6.87 3.03
N ARG A 148 5.15 6.02 4.06
CA ARG A 148 4.12 6.19 5.07
C ARG A 148 4.32 7.43 5.91
N HIS A 149 5.50 8.04 5.87
CA HIS A 149 5.76 9.33 6.52
C HIS A 149 5.58 10.50 5.57
N ALA A 150 5.03 10.25 4.38
CA ALA A 150 4.78 11.24 3.34
C ALA A 150 6.07 11.81 2.78
N ASP A 151 7.20 11.12 2.95
CA ASP A 151 8.40 11.46 2.21
C ASP A 151 8.21 11.08 0.75
N VAL A 152 8.68 11.93 -0.15
CA VAL A 152 8.69 11.66 -1.57
C VAL A 152 10.15 11.50 -1.98
N ILE A 153 10.54 10.27 -2.29
CA ILE A 153 11.93 9.85 -2.41
C ILE A 153 12.23 9.62 -3.90
N PRO A 154 13.11 10.39 -4.51
CA PRO A 154 13.49 10.11 -5.91
C PRO A 154 14.19 8.77 -6.03
N VAL A 155 13.78 8.02 -7.06
CA VAL A 155 14.25 6.68 -7.37
C VAL A 155 14.46 6.60 -8.88
N ARG A 156 15.65 6.16 -9.29
CA ARG A 156 15.93 5.93 -10.70
C ARG A 156 15.58 4.49 -11.04
N ARG A 157 14.73 4.29 -12.02
CA ARG A 157 14.37 2.94 -12.41
C ARG A 157 15.59 2.24 -12.99
N ARG A 158 15.83 1.00 -12.55
CA ARG A 158 17.01 0.23 -12.94
C ARG A 158 16.65 -1.08 -13.64
N GLY A 159 15.38 -1.43 -13.71
CA GLY A 159 14.95 -2.64 -14.38
C GLY A 159 13.44 -2.70 -14.35
N ASP A 160 12.89 -3.85 -14.73
CA ASP A 160 11.44 -4.00 -14.72
C ASP A 160 10.87 -3.84 -13.31
N SER A 161 11.60 -4.26 -12.29
CA SER A 161 11.02 -4.29 -10.95
C SER A 161 11.93 -3.70 -9.89
N ARG A 162 12.94 -2.92 -10.30
CA ARG A 162 13.97 -2.40 -9.41
C ARG A 162 14.22 -0.92 -9.68
N GLY A 163 14.57 -0.20 -8.62
CA GLY A 163 15.02 1.19 -8.75
C GLY A 163 16.03 1.49 -7.66
N SER A 164 16.92 2.45 -7.94
CA SER A 164 17.92 2.85 -6.96
C SER A 164 17.53 4.18 -6.32
N LEU A 165 17.73 4.30 -5.01
CA LEU A 165 17.50 5.57 -4.34
C LEU A 165 18.59 6.56 -4.70
N LEU A 166 18.19 7.77 -5.06
CA LEU A 166 19.19 8.79 -5.34
C LEU A 166 19.92 9.20 -4.07
N SER A 167 19.24 9.12 -2.93
CA SER A 167 19.84 9.42 -1.64
C SER A 167 19.56 8.22 -0.74
N PRO A 168 20.49 7.28 -0.64
CA PRO A 168 20.28 6.14 0.24
C PRO A 168 20.01 6.56 1.68
N ARG A 169 19.35 5.69 2.42
CA ARG A 169 19.09 5.97 3.82
C ARG A 169 18.76 4.67 4.53
N PRO A 170 18.84 4.65 5.87
CA PRO A 170 18.65 3.39 6.58
C PRO A 170 17.29 2.77 6.28
N ILE A 171 17.23 1.45 6.35
CA ILE A 171 15.99 0.77 5.99
C ILE A 171 14.87 1.13 6.96
N SER A 172 15.23 1.58 8.15
CA SER A 172 14.24 2.04 9.12
C SER A 172 13.26 3.03 8.51
N TYR A 173 13.75 3.88 7.60
CA TYR A 173 12.93 4.94 7.02
C TYR A 173 11.92 4.42 6.02
N LEU A 174 12.17 3.23 5.46
CA LEU A 174 11.26 2.62 4.49
C LEU A 174 10.34 1.58 5.12
N LYS A 175 10.67 1.07 6.31
CA LYS A 175 9.85 0.06 6.97
C LYS A 175 8.45 0.61 7.18
N GLY A 176 7.46 -0.20 6.81
CA GLY A 176 6.06 0.19 6.92
C GLY A 176 5.50 0.85 5.69
N SER A 177 6.28 0.96 4.61
CA SER A 177 5.85 1.63 3.40
C SER A 177 5.57 0.67 2.25
N SER A 178 5.70 -0.64 2.46
CA SER A 178 5.29 -1.57 1.40
C SER A 178 3.83 -1.33 1.07
N GLY A 179 3.49 -1.51 -0.20
CA GLY A 179 2.17 -1.19 -0.67
C GLY A 179 2.02 0.23 -1.18
N GLY A 180 3.00 1.10 -0.92
CA GLY A 180 2.99 2.45 -1.43
C GLY A 180 3.37 2.50 -2.89
N PRO A 181 3.11 3.65 -3.51
CA PRO A 181 3.40 3.80 -4.93
C PRO A 181 4.78 4.34 -5.25
N LEU A 182 5.28 3.87 -6.39
CA LEU A 182 6.24 4.59 -7.19
C LEU A 182 5.50 5.26 -8.32
N LEU A 183 5.73 6.57 -8.48
CA LEU A 183 5.08 7.44 -9.43
C LEU A 183 6.09 8.00 -10.42
N CYS A 184 5.60 8.32 -11.62
CA CYS A 184 6.40 8.99 -12.64
C CYS A 184 6.36 10.50 -12.44
N PRO A 185 7.09 11.28 -13.24
CA PRO A 185 7.04 12.73 -13.03
C PRO A 185 5.65 13.32 -13.15
N ALA A 186 4.79 12.70 -13.98
CA ALA A 186 3.42 13.18 -14.19
C ALA A 186 2.44 12.66 -13.14
N GLY A 187 2.90 11.97 -12.11
CA GLY A 187 2.01 11.50 -11.08
C GLY A 187 1.26 10.24 -11.41
N HIS A 188 1.67 9.50 -12.44
CA HIS A 188 1.07 8.21 -12.72
C HIS A 188 1.72 7.11 -11.89
N ALA A 189 0.98 6.01 -11.70
CA ALA A 189 1.47 4.86 -10.94
C ALA A 189 2.38 4.03 -11.83
N VAL A 190 3.60 3.82 -11.36
CA VAL A 190 4.56 2.96 -12.05
C VAL A 190 4.69 1.59 -11.38
N GLY A 191 4.44 1.52 -10.07
CA GLY A 191 4.52 0.22 -9.41
C GLY A 191 4.17 0.33 -7.94
N ILE A 192 4.16 -0.83 -7.29
CA ILE A 192 3.83 -0.96 -5.87
C ILE A 192 5.07 -1.42 -5.12
N PHE A 193 5.51 -0.63 -4.13
CA PHE A 193 6.70 -0.93 -3.34
C PHE A 193 6.56 -2.24 -2.59
N ARG A 194 7.54 -3.13 -2.78
CA ARG A 194 7.52 -4.48 -2.25
C ARG A 194 8.65 -4.76 -1.27
N ALA A 195 9.88 -4.41 -1.62
CA ALA A 195 11.02 -4.79 -0.80
C ALA A 195 12.14 -3.77 -0.94
N ALA A 196 12.99 -3.71 0.08
CA ALA A 196 14.14 -2.82 0.13
C ALA A 196 15.43 -3.64 0.15
N VAL A 197 16.34 -3.28 -0.74
CA VAL A 197 17.65 -3.92 -0.87
C VAL A 197 18.65 -3.03 -0.14
N SER A 198 19.37 -3.58 0.83
CA SER A 198 20.24 -2.77 1.65
C SER A 198 21.60 -3.42 1.84
N THR A 199 22.57 -2.59 2.21
CA THR A 199 23.91 -3.03 2.55
C THR A 199 24.24 -2.40 3.90
N ARG A 200 24.59 -3.24 4.88
CA ARG A 200 24.86 -2.77 6.24
C ARG A 200 23.74 -1.84 6.70
N GLY A 201 22.49 -2.25 6.43
CA GLY A 201 21.31 -1.55 6.88
C GLY A 201 20.92 -0.32 6.09
N VAL A 202 21.67 0.07 5.07
CA VAL A 202 21.34 1.24 4.27
C VAL A 202 20.63 0.78 3.00
N ALA A 203 19.44 1.34 2.77
CA ALA A 203 18.68 1.04 1.56
C ALA A 203 19.34 1.74 0.38
N LYS A 204 19.81 0.96 -0.58
CA LYS A 204 20.33 1.51 -1.83
C LYS A 204 19.36 1.35 -2.97
N ALA A 205 18.48 0.35 -2.91
CA ALA A 205 17.57 0.05 -4.00
C ALA A 205 16.27 -0.47 -3.44
N VAL A 206 15.23 -0.40 -4.26
CA VAL A 206 13.92 -0.94 -3.93
C VAL A 206 13.46 -1.86 -5.05
N ALA A 207 12.60 -2.79 -4.68
CA ALA A 207 11.89 -3.64 -5.63
C ALA A 207 10.41 -3.34 -5.54
N PHE A 208 9.72 -3.43 -6.68
CA PHE A 208 8.30 -3.09 -6.72
C PHE A 208 7.60 -3.98 -7.73
N ILE A 209 6.30 -4.07 -7.57
CA ILE A 209 5.43 -4.76 -8.53
C ILE A 209 5.11 -3.76 -9.63
N PRO A 210 5.55 -4.00 -10.87
CA PRO A 210 5.30 -3.03 -11.94
C PRO A 210 3.81 -2.94 -12.23
N VAL A 211 3.37 -1.74 -12.62
CA VAL A 211 1.95 -1.54 -12.87
C VAL A 211 1.48 -2.45 -14.00
N GLU A 212 2.34 -2.77 -14.95
CA GLU A 212 1.95 -3.71 -16.02
C GLU A 212 1.60 -5.07 -15.46
N SER A 213 2.26 -5.48 -14.39
CA SER A 213 1.94 -6.73 -13.73
C SER A 213 0.56 -6.65 -13.06
N LEU A 214 0.25 -5.49 -12.49
CA LEU A 214 -1.11 -5.22 -12.04
C LEU A 214 -2.10 -5.26 -13.20
N GLU A 215 -1.79 -4.55 -14.29
CA GLU A 215 -2.73 -4.48 -15.40
C GLU A 215 -2.98 -5.85 -16.00
N THR A 216 -1.97 -6.74 -15.96
CA THR A 216 -2.14 -8.09 -16.45
C THR A 216 -3.03 -8.92 -15.52
N THR A 217 -2.84 -8.76 -14.22
CA THR A 217 -3.66 -9.52 -13.29
C THR A 217 -5.12 -9.08 -13.37
N MET A 218 -5.39 -7.82 -13.73
CA MET A 218 -6.76 -7.35 -13.89
C MET A 218 -7.43 -8.00 -15.12
S SO4 B . -4.69 16.22 10.01
O1 SO4 B . -5.76 16.80 10.78
O2 SO4 B . -4.77 16.72 8.64
O3 SO4 B . -3.42 16.62 10.61
O4 SO4 B . -4.80 14.76 10.02
S SO4 C . 4.22 5.44 12.32
O1 SO4 C . 3.80 5.83 10.97
O2 SO4 C . 4.32 6.64 13.15
O3 SO4 C . 5.52 4.76 12.29
O4 SO4 C . 3.22 4.53 12.87
C10 ON4 D . 12.23 -6.78 2.44
C17 ON4 D . 15.03 -8.65 -1.79
C20 ON4 D . 16.09 -9.77 -1.88
C21 ON4 D . 14.31 -6.31 3.71
C22 ON4 D . 13.59 -6.37 5.08
C24 ON4 D . 9.11 -10.48 0.65
C26 ON4 D . 7.20 -12.02 0.78
C01 ON4 D . 9.54 -7.47 2.55
C02 ON4 D . 9.02 -8.46 3.12
C03 ON4 D . 10.06 -9.65 2.70
C04 ON4 D . 11.22 -9.23 3.11
C06 ON4 D . 9.58 -6.04 3.28
C09 ON4 D . 9.05 -3.61 3.03
C11 ON4 D . 13.65 -7.25 2.67
C14 ON4 D . 14.33 -8.09 0.42
C18 ON4 D . 14.48 -8.11 -3.12
C19 ON4 D . 13.61 -9.02 -2.27
C27 ON4 D . 7.09 -12.03 -0.72
C29 ON4 D . 9.02 -10.48 -0.87
C30 ON4 D . 6.22 -12.84 1.62
C31 ON4 D . 5.15 -13.66 0.89
C32 ON4 D . 5.05 -13.66 -0.63
C33 ON4 D . 6.02 -12.85 -1.45
C35 ON4 D . 4.46 -14.38 3.03
C36 ON4 D . 10.01 -9.63 -1.69
C37 ON4 D . 8.14 -3.12 4.13
C43 ON4 D . 5.58 -5.17 6.60
C44 ON4 D . 4.23 -5.53 5.98
C45 ON4 D . 4.30 -4.93 7.40
C46 ON4 D . 6.51 -6.30 7.10
C47 ON4 D . 10.41 -2.87 3.16
C48 ON4 D . 11.03 -1.86 4.12
C49 ON4 D . 12.15 -2.13 4.82
C50 ON4 D . 12.93 -3.44 4.66
C51 ON4 D . 13.19 -4.04 6.06
C52 ON4 D . 9.39 -2.42 2.12
C53 ON4 D . 14.17 -5.23 5.98
N05 ON4 D . 11.12 -7.75 2.65
N08 ON4 D . 8.94 -4.97 2.57
N13 ON4 D . 14.45 -7.14 1.50
N25 ON4 D . 8.21 -11.25 1.48
N28 ON4 D . 8.01 -11.24 -1.55
N38 ON4 D . 7.35 -4.15 4.75
O07 ON4 D . 10.09 -5.82 4.36
O12 ON4 D . 12.00 -5.67 2.07
O15 ON4 D . 15.09 -7.75 -0.71
O16 ON4 D . 13.65 -9.08 0.51
O23 ON4 D . 10.10 -9.70 1.25
O34 ON4 D . 4.25 -14.42 1.62
O39 ON4 D . 8.03 -1.98 4.46
O41 ON4 D . 7.13 -3.08 7.04
O42 ON4 D . 5.36 -2.64 5.51
S40 ON4 D . 6.33 -3.64 5.96
H202 ON4 D . 15.94 -10.30 -2.68
H201 ON4 D . 16.02 -10.34 -1.09
H203 ON4 D . 16.97 -9.37 -1.90
H211 ON4 D . 14.29 -5.40 3.38
H212 ON4 D . 15.24 -6.58 3.84
H222 ON4 D . 13.74 -7.22 5.50
H221 ON4 D . 12.63 -6.22 4.95
H011 ON4 D . 9.04 -7.45 1.72
H021 ON4 D . 8.13 -8.63 2.78
H022 ON4 D . 8.99 -8.34 4.08
H031 ON4 D . 9.82 -10.50 3.09
H042 ON4 D . 11.30 -9.30 4.07
H041 ON4 D . 11.94 -9.69 2.67
H111 ON4 D . 13.60 -8.18 2.97
H182 ON4 D . 14.23 -7.17 -3.11
H181 ON4 D . 14.85 -8.51 -3.93
H191 ON4 D . 13.50 -9.93 -2.60
H192 ON4 D . 12.88 -8.58 -1.79
H301 ON4 D . 6.28 -12.84 2.55
H321 ON4 D . 4.39 -14.17 -1.04
H331 ON4 D . 5.96 -12.84 -2.39
H352 ON4 D . 3.84 -14.98 3.46
H351 ON4 D . 4.32 -13.47 3.34
H353 ON4 D . 5.37 -14.64 3.22
H363 ON4 D . 9.97 -9.91 -2.62
H361 ON4 D . 10.90 -9.77 -1.35
H362 ON4 D . 9.76 -8.70 -1.63
H442 ON4 D . 4.04 -6.48 5.93
H441 ON4 D . 3.92 -4.94 5.29
H451 ON4 D . 4.14 -5.56 8.12
H452 ON4 D . 4.01 -4.01 7.47
H461 ON4 D . 7.32 -6.31 6.59
H462 ON4 D . 6.05 -7.16 7.01
H463 ON4 D . 6.73 -6.15 8.04
H471 ON4 D . 11.09 -3.24 2.57
H481 ON4 D . 10.60 -1.03 4.25
H491 ON4 D . 12.46 -1.49 5.41
H502 ON4 D . 13.77 -3.26 4.22
H501 ON4 D . 12.41 -4.06 4.13
H512 ON4 D . 12.35 -4.35 6.43
H511 ON4 D . 13.56 -3.36 6.63
H521 ON4 D . 9.60 -2.65 1.20
H522 ON4 D . 8.93 -1.59 2.33
H531 ON4 D . 14.33 -5.58 6.87
H532 ON4 D . 15.01 -4.92 5.61
H081 ON4 D . 8.47 -5.14 1.86
H131 ON4 D . 15.01 -6.50 1.43
H381 ON4 D . 7.41 -4.97 4.51
C1 GOL E . 1.03 -12.79 11.06
O1 GOL E . -0.28 -12.55 10.62
C2 GOL E . 1.87 -11.53 10.79
O2 GOL E . 1.86 -10.61 11.85
C3 GOL E . 1.29 -10.92 9.58
O3 GOL E . -0.11 -11.04 9.73
H11 GOL E . 1.44 -13.54 10.60
H12 GOL E . 1.07 -13.00 12.00
HO1 GOL E . -0.76 -13.17 10.94
H2 GOL E . 2.80 -11.81 10.67
HO2 GOL E . 2.65 -10.35 11.96
H31 GOL E . 1.59 -10.01 9.50
H32 GOL E . 1.64 -11.37 8.79
HO3 GOL E . -0.29 -10.75 10.51
C1 EDO F . 24.50 -6.51 4.76
O1 EDO F . 24.19 -7.90 4.60
C2 EDO F . 25.82 -6.19 4.10
O2 EDO F . 25.91 -6.89 2.85
H11 EDO F . 24.55 -6.27 5.83
H12 EDO F . 23.71 -5.89 4.33
HO1 EDO F . 23.24 -8.04 4.80
H21 EDO F . 26.65 -6.49 4.75
H22 EDO F . 25.91 -5.12 3.92
HO2 EDO F . 26.79 -6.75 2.46
C1 EDO G . 14.17 12.49 -0.37
O1 EDO G . 13.16 13.43 -0.79
C2 EDO G . 15.54 12.87 -0.94
O2 EDO G . 15.41 13.84 -2.00
H11 EDO G . 13.90 11.49 -0.72
H12 EDO G . 14.22 12.47 0.72
HO1 EDO G . 12.34 13.24 -0.32
H21 EDO G . 16.04 11.97 -1.33
H22 EDO G . 16.16 13.29 -0.14
HO2 EDO G . 15.32 14.72 -1.62
C1 EDO H . -7.10 -5.22 -17.81
O1 EDO H . -8.35 -5.44 -18.46
C2 EDO H . -6.60 -3.82 -18.17
O2 EDO H . -6.04 -3.20 -16.99
H11 EDO H . -6.37 -5.96 -18.14
H12 EDO H . -7.21 -5.31 -16.73
HO1 EDO H . -9.03 -5.63 -17.79
H21 EDO H . -7.42 -3.22 -18.56
H22 EDO H . -5.83 -3.88 -18.94
HO2 EDO H . -6.76 -2.98 -16.38
C1 EDO I . 13.18 -9.88 -8.02
O1 EDO I . 12.08 -10.00 -8.91
C2 EDO I . 13.07 -8.52 -7.32
O2 EDO I . 12.24 -7.69 -8.13
H11 EDO I . 13.17 -10.68 -7.28
H12 EDO I . 14.13 -9.94 -8.56
HO1 EDO I . 12.36 -10.48 -9.71
H21 EDO I . 14.07 -8.07 -7.22
H22 EDO I . 12.65 -8.64 -6.33
HO2 EDO I . 12.58 -6.79 -8.12
ZN ZN J . 3.77 8.44 -16.49
#